data_3UMF
#
_entry.id   3UMF
#
_cell.length_a   82.695
_cell.length_b   82.695
_cell.length_c   66.730
_cell.angle_alpha   90.000
_cell.angle_beta   90.000
_cell.angle_gamma   90.000
#
_symmetry.space_group_name_H-M   'P 41 21 2'
#
loop_
_entity.id
_entity.type
_entity.pdbx_description
1 polymer 'Adenylate kinase'
2 water water
#
_entity_poly.entity_id   1
_entity_poly.type   'polypeptide(L)'
_entity_poly.pdbx_seq_one_letter_code
;MGSSHHHHHHSSGLVPRGSHMTDQKLAKAKVIFVLGGPGSGKGTQCEKLVQKFHFNHLSSGDLLRAEVQSGSPKGKELKA
MMERGELVPLEVVLALLKEAMIKLVDKNCHFLIDGYPRELDQGIKFEKEVCPCLCVINFDVSEEVMRKRLLKRAETSNRV
DDNEETIVKRFRTFNELTKPVIEHYKQQNKVITIDASGTVDAIFDKVNHELQKFGVK
;
_entity_poly.pdbx_strand_id   A
#
# COMPACT_ATOMS: atom_id res chain seq x y z
N GLN A 24 -6.40 18.34 -14.61
CA GLN A 24 -6.18 18.26 -13.18
C GLN A 24 -4.76 18.69 -12.83
N LYS A 25 -4.53 19.01 -11.56
CA LYS A 25 -3.19 19.33 -11.08
C LYS A 25 -2.42 18.02 -10.88
N LEU A 26 -3.17 16.93 -10.89
CA LEU A 26 -2.63 15.59 -10.73
C LEU A 26 -2.36 14.96 -12.10
N ALA A 27 -1.65 15.71 -12.95
CA ALA A 27 -1.28 15.21 -14.27
C ALA A 27 0.18 14.79 -14.22
N LYS A 28 0.94 15.47 -13.37
CA LYS A 28 2.35 15.17 -13.17
C LYS A 28 2.56 14.00 -12.20
N ALA A 29 1.51 13.65 -11.46
CA ALA A 29 1.60 12.65 -10.40
C ALA A 29 1.98 11.24 -10.86
N LYS A 30 2.97 10.66 -10.18
CA LYS A 30 3.38 9.28 -10.39
C LYS A 30 3.04 8.48 -9.15
N VAL A 31 2.11 7.54 -9.28
CA VAL A 31 1.59 6.80 -8.12
C VAL A 31 2.10 5.37 -8.08
N ILE A 32 2.71 5.00 -6.96
CA ILE A 32 3.21 3.65 -6.76
C ILE A 32 2.40 2.93 -5.68
N PHE A 33 1.59 1.98 -6.09
CA PHE A 33 0.88 1.13 -5.15
C PHE A 33 1.86 0.15 -4.51
N VAL A 34 1.76 -0.03 -3.19
CA VAL A 34 2.63 -0.98 -2.50
C VAL A 34 1.83 -2.04 -1.75
N LEU A 35 2.09 -3.30 -2.08
CA LEU A 35 1.39 -4.42 -1.46
C LEU A 35 2.36 -5.35 -0.72
N GLY A 36 1.92 -5.90 0.39
CA GLY A 36 2.73 -6.82 1.17
C GLY A 36 2.01 -7.32 2.40
N GLY A 37 1.94 -8.63 2.56
CA GLY A 37 1.26 -9.22 3.69
C GLY A 37 2.21 -9.48 4.84
N PRO A 38 1.79 -10.35 5.78
CA PRO A 38 2.62 -10.69 6.95
C PRO A 38 3.95 -11.31 6.50
N GLY A 39 5.06 -10.82 7.05
CA GLY A 39 6.37 -11.34 6.71
C GLY A 39 7.04 -10.68 5.51
N SER A 40 6.32 -9.80 4.82
CA SER A 40 6.84 -9.16 3.61
C SER A 40 7.94 -8.13 3.90
N GLY A 41 7.83 -7.46 5.04
CA GLY A 41 8.77 -6.41 5.41
C GLY A 41 8.58 -5.15 4.58
N LYS A 42 7.36 -4.93 4.10
CA LYS A 42 7.08 -3.80 3.22
C LYS A 42 7.22 -2.45 3.94
N GLY A 43 6.97 -2.46 5.24
CA GLY A 43 7.07 -1.25 6.04
C GLY A 43 8.47 -0.67 6.01
N THR A 44 9.46 -1.52 6.22
CA THR A 44 10.86 -1.11 6.21
C THR A 44 11.25 -0.57 4.83
N GLN A 45 10.85 -1.28 3.78
CA GLN A 45 11.18 -0.90 2.41
C GLN A 45 10.59 0.46 2.04
N CYS A 46 9.35 0.71 2.44
CA CYS A 46 8.71 2.00 2.18
C CYS A 46 9.44 3.16 2.86
N GLU A 47 9.89 2.93 4.09
CA GLU A 47 10.64 3.94 4.82
C GLU A 47 11.94 4.28 4.09
N LYS A 48 12.62 3.25 3.61
CA LYS A 48 13.90 3.44 2.94
C LYS A 48 13.73 4.13 1.59
N LEU A 49 12.63 3.82 0.89
CA LEU A 49 12.32 4.47 -0.37
C LEU A 49 12.06 5.97 -0.20
N VAL A 50 11.27 6.31 0.81
CA VAL A 50 10.97 7.70 1.12
C VAL A 50 12.25 8.45 1.51
N GLN A 51 13.13 7.77 2.23
CA GLN A 51 14.39 8.39 2.64
C GLN A 51 15.30 8.65 1.45
N LYS A 52 15.42 7.68 0.54
CA LYS A 52 16.28 7.83 -0.62
C LYS A 52 15.69 8.76 -1.68
N PHE A 53 14.41 8.58 -1.99
CA PHE A 53 13.81 9.28 -3.12
C PHE A 53 12.95 10.49 -2.77
N HIS A 54 12.69 10.69 -1.48
CA HIS A 54 11.87 11.82 -1.01
C HIS A 54 10.42 11.70 -1.48
N PHE A 55 9.97 10.46 -1.67
CA PHE A 55 8.58 10.19 -2.06
C PHE A 55 7.62 10.72 -1.00
N ASN A 56 6.45 11.19 -1.43
CA ASN A 56 5.35 11.38 -0.49
C ASN A 56 4.85 10.00 -0.06
N HIS A 57 4.52 9.87 1.23
CA HIS A 57 4.09 8.58 1.75
C HIS A 57 2.68 8.70 2.31
N LEU A 58 1.74 7.99 1.71
CA LEU A 58 0.34 8.07 2.10
C LEU A 58 -0.17 6.70 2.56
N SER A 59 -0.99 6.71 3.61
CA SER A 59 -1.68 5.50 4.04
C SER A 59 -3.09 5.87 4.46
N SER A 60 -4.04 4.96 4.26
CA SER A 60 -5.43 5.24 4.58
C SER A 60 -5.60 5.46 6.08
N GLY A 61 -4.89 4.66 6.87
CA GLY A 61 -4.90 4.78 8.32
C GLY A 61 -4.52 6.16 8.82
N ASP A 62 -3.42 6.71 8.30
CA ASP A 62 -2.96 8.03 8.71
C ASP A 62 -3.91 9.14 8.24
N LEU A 63 -4.49 8.97 7.06
CA LEU A 63 -5.41 9.98 6.52
C LEU A 63 -6.73 9.98 7.30
N LEU A 64 -7.19 8.80 7.71
CA LEU A 64 -8.40 8.69 8.52
C LEU A 64 -8.21 9.28 9.92
N ARG A 65 -7.03 9.05 10.49
CA ARG A 65 -6.70 9.60 11.80
C ARG A 65 -6.66 11.13 11.76
N ALA A 66 -6.15 11.66 10.65
CA ALA A 66 -6.06 13.11 10.48
C ALA A 66 -7.44 13.74 10.32
N GLU A 67 -8.36 13.02 9.69
CA GLU A 67 -9.73 13.51 9.52
C GLU A 67 -10.46 13.53 10.85
N VAL A 68 -10.28 12.49 11.65
CA VAL A 68 -10.84 12.45 13.00
C VAL A 68 -10.30 13.58 13.88
N GLN A 69 -9.03 13.91 13.72
CA GLN A 69 -8.40 14.99 14.50
C GLN A 69 -8.72 16.39 13.94
N SER A 70 -9.42 16.44 12.81
CA SER A 70 -9.68 17.72 12.14
C SER A 70 -10.75 18.56 12.83
N GLY A 71 -11.66 17.90 13.55
CA GLY A 71 -12.75 18.59 14.21
C GLY A 71 -13.98 18.77 13.33
N SER A 72 -13.88 18.33 12.09
CA SER A 72 -14.99 18.44 11.13
C SER A 72 -16.14 17.51 11.53
N PRO A 73 -17.37 17.86 11.12
CA PRO A 73 -18.51 16.97 11.37
C PRO A 73 -18.28 15.57 10.78
N LYS A 74 -17.72 15.53 9.58
CA LYS A 74 -17.36 14.27 8.92
C LYS A 74 -16.39 13.46 9.77
N GLY A 75 -15.40 14.13 10.35
CA GLY A 75 -14.42 13.49 11.20
C GLY A 75 -15.05 12.90 12.45
N LYS A 76 -16.07 13.59 12.96
CA LYS A 76 -16.77 13.14 14.16
C LYS A 76 -17.64 11.93 13.87
N GLU A 77 -18.21 11.89 12.67
CA GLU A 77 -19.01 10.75 12.26
C GLU A 77 -18.13 9.55 11.92
N LEU A 78 -16.96 9.81 11.35
CA LEU A 78 -15.98 8.75 11.10
C LEU A 78 -15.60 8.05 12.39
N LYS A 79 -15.33 8.86 13.41
CA LYS A 79 -14.94 8.35 14.73
C LYS A 79 -16.03 7.49 15.35
N ALA A 80 -17.28 7.96 15.26
CA ALA A 80 -18.42 7.21 15.78
C ALA A 80 -18.62 5.90 15.02
N MET A 81 -18.39 5.93 13.71
CA MET A 81 -18.48 4.72 12.88
C MET A 81 -17.41 3.72 13.29
N MET A 82 -16.18 4.20 13.45
CA MET A 82 -15.07 3.37 13.88
C MET A 82 -15.35 2.73 15.24
N GLU A 83 -15.93 3.52 16.14
CA GLU A 83 -16.24 3.05 17.49
C GLU A 83 -17.22 1.88 17.46
N ARG A 84 -18.15 1.91 16.51
CA ARG A 84 -19.14 0.85 16.36
C ARG A 84 -18.58 -0.37 15.62
N GLY A 85 -17.40 -0.23 15.03
CA GLY A 85 -16.81 -1.29 14.24
C GLY A 85 -17.40 -1.33 12.85
N GLU A 86 -17.97 -0.21 12.42
CA GLU A 86 -18.52 -0.06 11.08
C GLU A 86 -17.41 0.12 10.05
N LEU A 87 -17.69 -0.26 8.81
CA LEU A 87 -16.75 -0.10 7.72
C LEU A 87 -16.74 1.32 7.19
N VAL A 88 -15.56 1.87 6.97
CA VAL A 88 -15.44 3.17 6.31
C VAL A 88 -15.56 2.95 4.80
N PRO A 89 -16.51 3.66 4.16
CA PRO A 89 -16.71 3.50 2.72
C PRO A 89 -15.46 3.83 1.91
N LEU A 90 -15.29 3.16 0.77
CA LEU A 90 -14.14 3.38 -0.09
C LEU A 90 -14.10 4.83 -0.59
N GLU A 91 -15.28 5.40 -0.83
CA GLU A 91 -15.41 6.77 -1.31
C GLU A 91 -14.77 7.77 -0.35
N VAL A 92 -14.89 7.52 0.95
CA VAL A 92 -14.29 8.39 1.96
C VAL A 92 -12.76 8.36 1.91
N VAL A 93 -12.20 7.16 1.85
CA VAL A 93 -10.75 6.99 1.77
C VAL A 93 -10.22 7.60 0.48
N LEU A 94 -10.95 7.38 -0.60
CA LEU A 94 -10.57 7.88 -1.92
C LEU A 94 -10.50 9.40 -1.95
N ALA A 95 -11.50 10.05 -1.35
CA ALA A 95 -11.52 11.50 -1.28
C ALA A 95 -10.37 12.05 -0.43
N LEU A 96 -10.03 11.34 0.64
CA LEU A 96 -8.91 11.75 1.49
C LEU A 96 -7.58 11.64 0.76
N LEU A 97 -7.42 10.55 0.00
CA LEU A 97 -6.22 10.34 -0.82
C LEU A 97 -6.06 11.47 -1.84
N LYS A 98 -7.12 11.72 -2.59
CA LYS A 98 -7.12 12.77 -3.61
C LYS A 98 -6.80 14.12 -3.01
N GLU A 99 -7.39 14.41 -1.86
CA GLU A 99 -7.18 15.69 -1.18
C GLU A 99 -5.72 15.83 -0.73
N ALA A 100 -5.14 14.75 -0.24
CA ALA A 100 -3.75 14.77 0.20
C ALA A 100 -2.78 14.91 -0.98
N MET A 101 -3.12 14.30 -2.12
CA MET A 101 -2.26 14.35 -3.29
C MET A 101 -2.21 15.75 -3.93
N ILE A 102 -3.37 16.41 -4.01
CA ILE A 102 -3.45 17.77 -4.54
C ILE A 102 -2.62 18.71 -3.67
N LYS A 103 -2.62 18.42 -2.37
CA LYS A 103 -1.93 19.23 -1.38
C LYS A 103 -0.41 19.06 -1.43
N LEU A 104 0.05 17.90 -1.92
CA LEU A 104 1.47 17.57 -1.86
C LEU A 104 2.17 17.37 -3.21
N VAL A 105 1.44 17.51 -4.30
CA VAL A 105 1.98 17.15 -5.61
C VAL A 105 3.14 18.04 -6.07
N ASP A 106 3.28 19.22 -5.46
CA ASP A 106 4.32 20.16 -5.89
C ASP A 106 5.59 20.09 -5.06
N LYS A 107 5.54 19.40 -3.93
CA LYS A 107 6.75 19.11 -3.17
C LYS A 107 7.47 17.95 -3.84
N ASN A 108 6.68 16.97 -4.27
CA ASN A 108 7.18 15.82 -5.01
C ASN A 108 6.05 15.17 -5.80
N CYS A 109 6.31 14.83 -7.06
CA CYS A 109 5.29 14.27 -7.94
C CYS A 109 5.00 12.80 -7.65
N HIS A 110 5.88 12.14 -6.90
CA HIS A 110 5.72 10.72 -6.61
C HIS A 110 4.95 10.48 -5.31
N PHE A 111 4.14 9.43 -5.31
CA PHE A 111 3.39 9.03 -4.12
C PHE A 111 3.50 7.53 -3.93
N LEU A 112 3.97 7.12 -2.75
CA LEU A 112 3.88 5.73 -2.33
C LEU A 112 2.60 5.56 -1.54
N ILE A 113 1.68 4.74 -2.03
CA ILE A 113 0.48 4.42 -1.27
C ILE A 113 0.68 3.08 -0.57
N ASP A 114 0.81 3.12 0.74
CA ASP A 114 1.15 1.94 1.52
C ASP A 114 -0.07 1.06 1.77
N GLY A 115 0.02 -0.19 1.33
CA GLY A 115 -1.04 -1.17 1.56
C GLY A 115 -2.32 -0.87 0.79
N TYR A 116 -2.17 -0.38 -0.43
CA TYR A 116 -3.31 -0.04 -1.29
C TYR A 116 -2.94 -0.28 -2.74
N PRO A 117 -3.87 -0.81 -3.56
CA PRO A 117 -5.22 -1.27 -3.16
C PRO A 117 -5.19 -2.73 -2.72
N ARG A 118 -6.04 -3.08 -1.77
CA ARG A 118 -6.13 -4.46 -1.30
C ARG A 118 -7.13 -5.25 -2.14
N GLU A 119 -8.04 -4.54 -2.80
CA GLU A 119 -9.05 -5.17 -3.63
C GLU A 119 -9.19 -4.48 -4.99
N LEU A 120 -9.76 -5.17 -5.96
CA LEU A 120 -9.81 -4.69 -7.33
C LEU A 120 -10.60 -3.39 -7.50
N ASP A 121 -11.71 -3.27 -6.78
CA ASP A 121 -12.54 -2.08 -6.87
C ASP A 121 -11.79 -0.84 -6.42
N GLN A 122 -10.94 -1.00 -5.39
CA GLN A 122 -10.13 0.09 -4.87
C GLN A 122 -9.15 0.61 -5.93
N GLY A 123 -8.57 -0.30 -6.69
CA GLY A 123 -7.60 0.06 -7.71
C GLY A 123 -8.21 0.78 -8.89
N ILE A 124 -9.25 0.18 -9.47
CA ILE A 124 -9.91 0.76 -10.65
C ILE A 124 -10.53 2.12 -10.35
N LYS A 125 -11.26 2.22 -9.24
CA LYS A 125 -11.88 3.50 -8.87
C LYS A 125 -10.83 4.59 -8.59
N PHE A 126 -9.69 4.21 -8.04
CA PHE A 126 -8.62 5.17 -7.79
C PHE A 126 -8.13 5.75 -9.10
N GLU A 127 -7.84 4.88 -10.06
CA GLU A 127 -7.32 5.30 -11.34
C GLU A 127 -8.34 6.13 -12.12
N LYS A 128 -9.63 5.90 -11.86
CA LYS A 128 -10.68 6.67 -12.50
C LYS A 128 -10.83 8.05 -11.85
N GLU A 129 -11.03 8.05 -10.54
CA GLU A 129 -11.33 9.25 -9.78
C GLU A 129 -10.10 10.13 -9.53
N VAL A 130 -8.92 9.52 -9.49
CA VAL A 130 -7.70 10.28 -9.20
C VAL A 130 -6.74 10.31 -10.40
N CYS A 131 -5.93 9.26 -10.54
CA CYS A 131 -5.04 9.12 -11.68
C CYS A 131 -4.54 7.68 -11.79
N PRO A 132 -4.20 7.24 -13.02
CA PRO A 132 -3.67 5.89 -13.22
C PRO A 132 -2.35 5.71 -12.46
N CYS A 133 -2.10 4.51 -11.95
CA CYS A 133 -0.88 4.29 -11.22
C CYS A 133 0.30 4.10 -12.17
N LEU A 134 1.50 4.38 -11.68
CA LEU A 134 2.70 4.15 -12.46
C LEU A 134 3.03 2.66 -12.46
N CYS A 135 3.02 2.07 -11.27
CA CYS A 135 3.28 0.64 -11.11
C CYS A 135 2.82 0.16 -9.74
N VAL A 136 2.88 -1.16 -9.55
CA VAL A 136 2.58 -1.78 -8.27
C VAL A 136 3.80 -2.55 -7.81
N ILE A 137 4.23 -2.32 -6.58
CA ILE A 137 5.30 -3.13 -5.99
C ILE A 137 4.68 -4.19 -5.11
N ASN A 138 4.85 -5.45 -5.50
CA ASN A 138 4.36 -6.57 -4.70
C ASN A 138 5.51 -7.23 -3.98
N PHE A 139 5.61 -7.01 -2.67
CA PHE A 139 6.64 -7.65 -1.85
C PHE A 139 6.19 -9.06 -1.49
N ASP A 140 6.61 -10.03 -2.28
CA ASP A 140 6.09 -11.38 -2.22
C ASP A 140 6.94 -12.31 -1.35
N VAL A 141 6.28 -13.01 -0.43
CA VAL A 141 6.93 -14.07 0.34
C VAL A 141 6.04 -15.30 0.38
N SER A 142 6.66 -16.48 0.41
CA SER A 142 5.93 -17.73 0.54
C SER A 142 5.49 -17.91 1.99
N GLU A 143 4.55 -18.83 2.22
CA GLU A 143 4.11 -19.10 3.58
C GLU A 143 5.27 -19.62 4.42
N GLU A 144 6.13 -20.41 3.80
CA GLU A 144 7.31 -20.99 4.45
C GLU A 144 8.28 -19.91 4.93
N VAL A 145 8.51 -18.90 4.10
CA VAL A 145 9.38 -17.78 4.46
C VAL A 145 8.77 -16.96 5.62
N MET A 146 7.47 -16.69 5.53
CA MET A 146 6.78 -15.98 6.60
C MET A 146 6.91 -16.71 7.95
N ARG A 147 6.69 -18.03 7.93
CA ARG A 147 6.80 -18.85 9.14
C ARG A 147 8.21 -18.81 9.75
N LYS A 148 9.22 -18.91 8.90
CA LYS A 148 10.61 -18.90 9.36
C LYS A 148 10.97 -17.53 9.91
N ARG A 149 10.25 -16.51 9.44
CA ARG A 149 10.53 -15.14 9.81
C ARG A 149 9.80 -14.72 11.09
N LEU A 150 8.53 -15.09 11.23
CA LEU A 150 7.70 -14.61 12.35
C LEU A 150 7.46 -15.63 13.45
N LEU A 151 7.46 -16.92 13.10
CA LEU A 151 7.00 -17.94 14.03
C LEU A 151 8.11 -18.82 14.56
N LYS A 152 7.81 -19.59 15.59
CA LYS A 152 8.79 -20.48 16.20
C LYS A 152 9.13 -21.64 15.25
N ARG A 153 10.36 -22.15 15.34
CA ARG A 153 10.76 -23.26 14.49
C ARG A 153 10.00 -24.55 14.82
N VAL A 160 2.92 -21.21 21.72
CA VAL A 160 2.28 -20.06 21.06
C VAL A 160 1.42 -20.47 19.86
N ASP A 161 0.94 -21.72 19.88
CA ASP A 161 0.21 -22.33 18.77
C ASP A 161 -0.94 -21.47 18.20
N ASP A 162 -1.87 -21.05 19.05
CA ASP A 162 -3.05 -20.32 18.59
C ASP A 162 -2.72 -18.96 17.97
N ASN A 163 -1.78 -18.24 18.58
CA ASN A 163 -1.35 -16.95 18.07
C ASN A 163 -0.64 -17.08 16.72
N GLU A 164 0.20 -18.11 16.60
CA GLU A 164 0.92 -18.36 15.35
C GLU A 164 -0.04 -18.76 14.22
N GLU A 165 -1.03 -19.59 14.53
CA GLU A 165 -2.01 -20.01 13.55
C GLU A 165 -2.87 -18.85 13.07
N THR A 166 -3.15 -17.89 13.95
CA THR A 166 -3.88 -16.69 13.57
C THR A 166 -3.13 -15.92 12.48
N ILE A 167 -1.82 -15.82 12.64
CA ILE A 167 -0.97 -15.14 11.66
C ILE A 167 -0.88 -15.93 10.35
N VAL A 168 -0.84 -17.26 10.45
CA VAL A 168 -0.88 -18.10 9.25
C VAL A 168 -2.17 -17.85 8.47
N LYS A 169 -3.30 -17.84 9.17
CA LYS A 169 -4.60 -17.54 8.54
C LYS A 169 -4.66 -16.12 7.99
N ARG A 170 -4.03 -15.17 8.67
CA ARG A 170 -4.01 -13.80 8.19
C ARG A 170 -3.20 -13.71 6.89
N PHE A 171 -2.12 -14.49 6.84
CA PHE A 171 -1.30 -14.59 5.63
C PHE A 171 -2.10 -15.15 4.46
N ARG A 172 -2.82 -16.26 4.71
CA ARG A 172 -3.58 -16.92 3.66
C ARG A 172 -4.77 -16.08 3.23
N THR A 173 -5.40 -15.41 4.20
CA THR A 173 -6.50 -14.50 3.89
C THR A 173 -6.02 -13.35 3.00
N PHE A 174 -4.88 -12.78 3.34
CA PHE A 174 -4.32 -11.68 2.54
C PHE A 174 -3.92 -12.15 1.14
N ASN A 175 -3.28 -13.31 1.07
CA ASN A 175 -2.84 -13.87 -0.22
C ASN A 175 -4.01 -14.10 -1.17
N GLU A 176 -5.10 -14.65 -0.65
CA GLU A 176 -6.29 -14.91 -1.44
C GLU A 176 -7.03 -13.61 -1.80
N LEU A 177 -7.13 -12.72 -0.82
CA LEU A 177 -7.85 -11.46 -1.01
C LEU A 177 -7.27 -10.63 -2.14
N THR A 178 -5.95 -10.62 -2.25
CA THR A 178 -5.27 -9.72 -3.20
C THR A 178 -4.99 -10.35 -4.56
N LYS A 179 -5.38 -11.61 -4.75
CA LYS A 179 -5.12 -12.30 -6.03
C LYS A 179 -5.67 -11.59 -7.27
N PRO A 180 -6.97 -11.22 -7.27
CA PRO A 180 -7.45 -10.59 -8.52
C PRO A 180 -6.88 -9.19 -8.77
N VAL A 181 -6.51 -8.45 -7.72
CA VAL A 181 -5.96 -7.12 -7.95
C VAL A 181 -4.54 -7.21 -8.51
N ILE A 182 -3.77 -8.18 -8.02
CA ILE A 182 -2.43 -8.42 -8.52
C ILE A 182 -2.46 -8.92 -9.97
N GLU A 183 -3.37 -9.84 -10.27
CA GLU A 183 -3.50 -10.35 -11.63
C GLU A 183 -3.93 -9.27 -12.61
N HIS A 184 -4.83 -8.39 -12.16
CA HIS A 184 -5.31 -7.27 -12.98
C HIS A 184 -4.18 -6.36 -13.46
N TYR A 185 -3.29 -5.98 -12.55
CA TYR A 185 -2.19 -5.09 -12.93
C TYR A 185 -1.03 -5.84 -13.57
N LYS A 186 -0.93 -7.14 -13.31
CA LYS A 186 0.10 -7.97 -13.93
C LYS A 186 -0.15 -8.08 -15.43
N GLN A 187 -1.42 -8.19 -15.81
CA GLN A 187 -1.80 -8.25 -17.23
C GLN A 187 -1.43 -6.97 -17.98
N GLN A 188 -1.34 -5.85 -17.25
CA GLN A 188 -1.01 -4.57 -17.84
C GLN A 188 0.49 -4.32 -17.78
N ASN A 189 1.23 -5.32 -17.31
CA ASN A 189 2.68 -5.22 -17.18
C ASN A 189 3.09 -4.08 -16.25
N LYS A 190 2.36 -3.93 -15.14
CA LYS A 190 2.60 -2.84 -14.19
C LYS A 190 2.96 -3.32 -12.79
N VAL A 191 3.17 -4.63 -12.64
CA VAL A 191 3.51 -5.18 -11.33
C VAL A 191 5.00 -5.50 -11.22
N ILE A 192 5.64 -4.92 -10.21
CA ILE A 192 7.01 -5.30 -9.87
C ILE A 192 6.94 -6.34 -8.76
N THR A 193 7.18 -7.60 -9.11
CA THR A 193 7.15 -8.67 -8.13
C THR A 193 8.52 -8.81 -7.48
N ILE A 194 8.61 -8.46 -6.22
CA ILE A 194 9.88 -8.53 -5.50
C ILE A 194 9.92 -9.79 -4.65
N ASP A 195 10.99 -10.57 -4.81
CA ASP A 195 11.23 -11.71 -3.94
C ASP A 195 11.75 -11.16 -2.61
N ALA A 196 10.89 -11.15 -1.60
CA ALA A 196 11.24 -10.53 -0.32
C ALA A 196 11.77 -11.55 0.71
N SER A 197 12.29 -12.67 0.22
CA SER A 197 12.85 -13.69 1.10
C SER A 197 14.30 -13.40 1.46
N GLY A 198 14.90 -12.43 0.76
CA GLY A 198 16.29 -12.07 1.01
C GLY A 198 16.43 -11.07 2.14
N THR A 199 17.62 -10.48 2.25
CA THR A 199 17.90 -9.49 3.29
C THR A 199 17.25 -8.15 2.96
N VAL A 200 17.21 -7.25 3.95
CA VAL A 200 16.62 -5.93 3.75
C VAL A 200 17.37 -5.15 2.67
N ASP A 201 18.69 -5.23 2.69
CA ASP A 201 19.54 -4.54 1.72
C ASP A 201 19.40 -5.12 0.30
N ALA A 202 19.33 -6.44 0.19
CA ALA A 202 19.18 -7.09 -1.10
C ALA A 202 17.84 -6.77 -1.74
N ILE A 203 16.80 -6.73 -0.90
CA ILE A 203 15.47 -6.38 -1.37
C ILE A 203 15.43 -4.93 -1.85
N PHE A 204 16.05 -4.03 -1.09
CA PHE A 204 16.05 -2.61 -1.41
C PHE A 204 16.77 -2.33 -2.72
N ASP A 205 17.92 -2.98 -2.91
CA ASP A 205 18.69 -2.84 -4.14
C ASP A 205 17.89 -3.32 -5.36
N LYS A 206 17.20 -4.46 -5.21
CA LYS A 206 16.39 -5.00 -6.29
C LYS A 206 15.21 -4.09 -6.64
N VAL A 207 14.54 -3.56 -5.61
CA VAL A 207 13.44 -2.64 -5.81
C VAL A 207 13.87 -1.41 -6.62
N ASN A 208 15.02 -0.85 -6.26
CA ASN A 208 15.54 0.31 -6.97
C ASN A 208 15.92 0.00 -8.41
N HIS A 209 16.40 -1.22 -8.64
CA HIS A 209 16.75 -1.66 -9.98
C HIS A 209 15.50 -1.77 -10.86
N GLU A 210 14.43 -2.31 -10.29
CA GLU A 210 13.18 -2.47 -11.02
C GLU A 210 12.46 -1.14 -11.25
N LEU A 211 12.50 -0.25 -10.26
CA LEU A 211 11.87 1.06 -10.37
C LEU A 211 12.48 1.92 -11.49
N GLN A 212 13.73 1.63 -11.83
CA GLN A 212 14.41 2.33 -12.92
C GLN A 212 13.69 2.10 -14.24
N LYS A 213 13.16 0.89 -14.41
CA LYS A 213 12.45 0.52 -15.63
C LYS A 213 11.17 1.33 -15.82
N PHE A 214 10.65 1.89 -14.74
CA PHE A 214 9.47 2.74 -14.83
C PHE A 214 9.84 4.22 -14.79
N GLY A 215 11.12 4.50 -15.03
CA GLY A 215 11.61 5.86 -15.09
C GLY A 215 11.78 6.55 -13.74
N VAL A 216 11.90 5.76 -12.67
CA VAL A 216 12.13 6.31 -11.34
C VAL A 216 13.57 6.03 -10.87
N LYS A 217 14.37 7.09 -10.76
CA LYS A 217 15.77 6.94 -10.37
C LYS A 217 16.28 8.12 -9.55
#